data_9VD8
#
_entry.id   9VD8
#
_cell.length_a   75.870
_cell.length_b   75.870
_cell.length_c   401.959
_cell.angle_alpha   90.00
_cell.angle_beta   90.00
_cell.angle_gamma   120.00
#
_symmetry.space_group_name_H-M   'P 65 2 2'
#
loop_
_entity.id
_entity.type
_entity.pdbx_description
1 polymer 'Apg-truncated loopA'
2 non-polymer alpha-D-glucopyranose
3 water water
#
_entity_poly.entity_id   1
_entity_poly.type   'polypeptide(L)'
_entity_poly.pdbx_seq_one_letter_code
;MLKAWHLPVAPFIKEQQERLMITLWLSGDDLPPRVTLRAEEDNEELSLPMHRLRQAPHPGVVAWRGEINLVNGQPRRRYS
FKLLWADRQLWFTPQEFNRFPPARLEQFAVDLPDSGPQWVADQVFYQIFPDRFARSQSHDIVRKAWDEPLTAEAGGSTFY
GGDLDGISEKLPYLKQLGVTALYLNPVFVAPSVHKYDTEDYRRVDPQFGGDAALLRLRHNTQKEGMRLILDGVFNHSGDS
HAWFDRHQRGSGGACHNADSPWRDWYNFSPEGVAHDWLGYASLPKLDYRSSTLIDEIYGGEDSVVRHWLKAPWSMDGWRL
DVVHMLGEGGGARNNLRHIAGITQAAKLERPDAFVFGEHFGDARQWLQADVEDSAMNYRGFTFPLWGFLANTDISYDPQK
IDAQTCMAWMDNYRAGLSHQQQLRMFNQLDSHDTARFKSLLGKDVARLPLAVVWLFSWPGVPCIYYGDEVGVDGNNDPFC
RKPFPWDPALQDGDLLDLYKRMSKLRKAHQALRYGGCQVIYAEDNVVVFVRVYKQQRVLVAINRGEACEVVIEDSPLLDV
NGWQLKEGAGALHDGVLTLPAISASVWFSR
;
_entity_poly.pdbx_strand_id   A
#
loop_
_chem_comp.id
_chem_comp.type
_chem_comp.name
_chem_comp.formula
GLC D-saccharide, alpha linking alpha-D-glucopyranose 'C6 H12 O6'
#
# COMPACT_ATOMS: atom_id res chain seq x y z
N LEU A 2 -22.00 11.41 24.84
CA LEU A 2 -20.76 10.75 25.23
C LEU A 2 -19.75 10.78 24.10
N LYS A 3 -18.49 11.10 24.39
CA LYS A 3 -17.44 11.13 23.38
C LYS A 3 -16.22 10.36 23.87
N ALA A 4 -15.43 9.87 22.91
CA ALA A 4 -14.21 9.13 23.21
C ALA A 4 -13.15 9.40 22.14
N TRP A 5 -11.89 9.28 22.55
CA TRP A 5 -10.77 9.42 21.66
C TRP A 5 -9.70 8.41 22.05
N HIS A 6 -9.16 7.73 21.04
CA HIS A 6 -7.95 6.94 21.20
C HIS A 6 -7.38 6.70 19.83
N LEU A 7 -6.06 6.83 19.71
CA LEU A 7 -5.32 6.44 18.52
C LEU A 7 -4.14 5.59 18.97
N PRO A 8 -3.75 4.56 18.19
CA PRO A 8 -2.71 3.61 18.61
C PRO A 8 -1.30 4.19 18.51
N VAL A 9 -1.10 5.36 19.09
CA VAL A 9 0.16 6.08 18.93
C VAL A 9 0.30 7.04 20.09
N ALA A 10 1.54 7.47 20.36
CA ALA A 10 1.73 8.57 21.28
C ALA A 10 0.91 9.77 20.80
N PRO A 11 0.27 10.51 21.70
CA PRO A 11 0.38 10.53 23.16
C PRO A 11 -0.50 9.50 23.90
N PHE A 12 -1.20 8.64 23.15
CA PHE A 12 -2.15 7.72 23.77
C PHE A 12 -1.47 6.46 24.26
N ILE A 13 -0.36 6.05 23.67
CA ILE A 13 0.33 4.85 24.12
C ILE A 13 1.79 5.19 24.35
N LYS A 14 2.42 4.44 25.25
CA LYS A 14 3.81 4.65 25.61
C LYS A 14 4.36 3.33 26.12
N GLU A 15 5.48 2.89 25.53
CA GLU A 15 6.21 1.73 26.01
C GLU A 15 7.17 2.17 27.11
N GLN A 16 7.16 1.45 28.23
CA GLN A 16 7.93 1.86 29.41
C GLN A 16 8.32 0.61 30.17
N GLN A 17 9.61 0.27 30.12
CA GLN A 17 10.14 -0.98 30.66
C GLN A 17 9.53 -2.11 29.86
N GLU A 18 8.80 -3.04 30.45
CA GLU A 18 8.16 -4.11 29.70
C GLU A 18 6.65 -4.00 29.77
N ARG A 19 6.15 -2.78 29.65
CA ARG A 19 4.73 -2.47 29.79
C ARG A 19 4.32 -1.49 28.71
N LEU A 20 3.12 -1.70 28.16
CA LEU A 20 2.52 -0.80 27.19
C LEU A 20 1.40 -0.03 27.89
N MET A 21 1.61 1.26 28.13
CA MET A 21 0.59 2.09 28.76
C MET A 21 -0.40 2.59 27.72
N ILE A 22 -1.68 2.35 27.97
CA ILE A 22 -2.77 2.71 27.06
C ILE A 22 -3.63 3.76 27.75
N THR A 23 -3.93 4.83 27.03
CA THR A 23 -4.72 5.92 27.55
C THR A 23 -5.96 6.14 26.69
N LEU A 24 -7.10 6.33 27.35
CA LEU A 24 -8.37 6.61 26.70
C LEU A 24 -8.89 7.94 27.21
N TRP A 25 -9.48 8.73 26.32
CA TRP A 25 -10.09 10.02 26.64
C TRP A 25 -11.60 9.91 26.49
N LEU A 26 -12.34 10.45 27.47
CA LEU A 26 -13.80 10.48 27.40
C LEU A 26 -14.28 11.88 27.73
N SER A 27 -15.53 12.15 27.37
CA SER A 27 -16.13 13.43 27.71
C SER A 27 -17.64 13.35 27.54
N GLY A 28 -18.40 13.87 28.51
CA GLY A 28 -19.85 13.83 28.43
C GLY A 28 -20.49 13.91 29.81
N ASP A 29 -21.83 13.85 29.79
CA ASP A 29 -22.60 14.06 31.02
C ASP A 29 -22.75 12.81 31.88
N ASP A 30 -22.65 11.62 31.30
CA ASP A 30 -22.96 10.38 32.01
C ASP A 30 -21.79 9.42 31.79
N LEU A 31 -20.66 9.72 32.42
CA LEU A 31 -19.43 9.01 32.14
C LEU A 31 -19.38 7.70 32.91
N PRO A 32 -18.87 6.63 32.30
CA PRO A 32 -18.83 5.33 32.98
C PRO A 32 -17.96 5.41 34.22
N PRO A 33 -18.42 4.86 35.34
CA PRO A 33 -17.59 4.85 36.55
C PRO A 33 -16.47 3.82 36.51
N ARG A 34 -16.48 2.88 35.57
CA ARG A 34 -15.41 1.92 35.39
C ARG A 34 -15.14 1.77 33.90
N VAL A 35 -13.88 1.50 33.55
CA VAL A 35 -13.49 1.15 32.19
C VAL A 35 -12.56 -0.03 32.26
N THR A 36 -12.86 -1.07 31.49
CA THR A 36 -11.98 -2.22 31.33
C THR A 36 -11.24 -2.12 30.02
N LEU A 37 -9.92 -2.23 30.08
CA LEU A 37 -9.10 -2.39 28.88
C LEU A 37 -9.13 -3.86 28.48
N ARG A 38 -9.82 -4.19 27.37
CA ARG A 38 -9.80 -5.56 26.84
C ARG A 38 -8.55 -5.74 25.99
N ALA A 39 -7.64 -6.59 26.44
CA ALA A 39 -6.44 -6.89 25.70
C ALA A 39 -6.37 -8.39 25.49
N GLU A 40 -5.34 -8.83 24.79
CA GLU A 40 -5.22 -10.22 24.43
C GLU A 40 -3.79 -10.64 24.63
N GLU A 41 -3.59 -11.76 25.31
CA GLU A 41 -2.28 -12.39 25.41
C GLU A 41 -2.43 -13.83 24.96
N ASP A 42 -1.70 -14.20 23.90
CA ASP A 42 -1.73 -15.55 23.33
C ASP A 42 -3.17 -15.95 22.99
N ASN A 43 -3.88 -15.04 22.34
CA ASN A 43 -5.25 -15.19 21.88
C ASN A 43 -6.27 -15.25 23.03
N GLU A 44 -5.83 -15.23 24.29
CA GLU A 44 -6.74 -15.20 25.43
C GLU A 44 -7.16 -13.77 25.74
N GLU A 45 -8.47 -13.49 25.67
CA GLU A 45 -8.97 -12.18 26.06
C GLU A 45 -8.70 -11.90 27.53
N LEU A 46 -8.33 -10.66 27.85
CA LEU A 46 -7.94 -10.24 29.19
C LEU A 46 -8.74 -9.03 29.61
N SER A 47 -9.20 -9.01 30.86
CA SER A 47 -9.86 -7.85 31.43
C SER A 47 -8.86 -7.13 32.33
N LEU A 48 -8.27 -6.11 31.81
CA LEU A 48 -7.34 -5.32 32.59
C LEU A 48 -8.03 -4.05 33.06
N PRO A 49 -8.00 -3.78 34.35
CA PRO A 49 -8.71 -2.60 34.87
C PRO A 49 -7.98 -1.31 34.53
N MET A 50 -8.76 -0.26 34.31
CA MET A 50 -8.21 1.06 34.05
C MET A 50 -8.51 1.98 35.23
N HIS A 51 -7.65 2.97 35.43
CA HIS A 51 -7.83 3.92 36.51
C HIS A 51 -7.87 5.34 35.95
N ARG A 52 -8.69 6.17 36.58
CA ARG A 52 -8.88 7.55 36.13
C ARG A 52 -7.66 8.39 36.55
N LEU A 53 -7.12 9.15 35.61
CA LEU A 53 -5.99 9.99 35.92
C LEU A 53 -6.47 11.28 36.56
N ARG A 54 -5.66 11.79 37.50
CA ARG A 54 -6.02 13.01 38.20
C ARG A 54 -6.07 14.21 37.26
N GLN A 55 -5.08 14.32 36.37
CA GLN A 55 -4.93 15.50 35.50
C GLN A 55 -5.74 15.36 34.22
N ALA A 56 -6.58 16.34 33.95
CA ALA A 56 -7.33 16.38 32.70
C ALA A 56 -6.41 16.70 31.52
N PRO A 57 -6.30 15.83 30.50
CA PRO A 57 -5.38 16.16 29.40
C PRO A 57 -5.82 17.36 28.58
N HIS A 58 -7.12 17.64 28.50
CA HIS A 58 -7.65 18.76 27.75
C HIS A 58 -8.95 19.21 28.43
N PRO A 59 -9.36 20.46 28.19
CA PRO A 59 -10.63 20.93 28.78
C PRO A 59 -11.77 19.94 28.62
N GLY A 60 -12.40 19.59 29.73
CA GLY A 60 -13.59 18.77 29.71
C GLY A 60 -13.36 17.32 29.35
N VAL A 61 -12.14 16.81 29.50
CA VAL A 61 -11.75 15.47 29.08
C VAL A 61 -11.24 14.69 30.27
N VAL A 62 -11.83 13.52 30.50
CA VAL A 62 -11.39 12.59 31.54
C VAL A 62 -10.57 11.50 30.87
N ALA A 63 -9.37 11.24 31.40
CA ALA A 63 -8.45 10.27 30.86
C ALA A 63 -8.41 9.01 31.73
N TRP A 64 -8.47 7.84 31.09
CA TRP A 64 -8.29 6.56 31.76
C TRP A 64 -7.00 5.90 31.27
N ARG A 65 -6.35 5.15 32.15
CA ARG A 65 -5.10 4.48 31.78
C ARG A 65 -5.10 3.02 32.24
N GLY A 66 -4.54 2.16 31.38
CA GLY A 66 -4.28 0.77 31.71
C GLY A 66 -2.95 0.34 31.14
N GLU A 67 -2.60 -0.94 31.39
CA GLU A 67 -1.29 -1.46 31.05
C GLU A 67 -1.40 -2.84 30.43
N ILE A 68 -0.60 -3.09 29.40
CA ILE A 68 -0.46 -4.43 28.82
C ILE A 68 0.92 -4.94 29.16
N ASN A 69 0.98 -6.09 29.82
CA ASN A 69 2.27 -6.71 30.11
C ASN A 69 2.86 -7.25 28.82
N LEU A 70 4.12 -6.89 28.56
CA LEU A 70 4.75 -7.17 27.28
C LEU A 70 5.67 -8.38 27.29
N VAL A 71 5.94 -8.97 28.45
CA VAL A 71 6.96 -10.02 28.48
C VAL A 71 6.39 -11.30 27.85
N ASN A 72 5.10 -11.54 28.00
CA ASN A 72 4.44 -12.65 27.37
C ASN A 72 3.54 -12.17 26.24
N GLY A 73 3.16 -13.10 25.38
CA GLY A 73 2.26 -12.81 24.28
C GLY A 73 2.98 -12.69 22.95
N GLN A 74 2.19 -12.67 21.90
CA GLN A 74 2.68 -12.50 20.55
C GLN A 74 2.94 -11.02 20.27
N PRO A 75 3.77 -10.70 19.28
CA PRO A 75 4.13 -9.28 19.04
C PRO A 75 2.96 -8.35 18.82
N ARG A 76 1.87 -8.83 18.20
CA ARG A 76 0.74 -7.97 17.86
C ARG A 76 -0.21 -7.86 19.05
N ARG A 77 -0.33 -6.65 19.58
CA ARG A 77 -1.11 -6.38 20.79
C ARG A 77 -2.45 -5.80 20.36
N ARG A 78 -3.50 -6.63 20.41
CA ARG A 78 -4.86 -6.19 20.09
C ARG A 78 -5.56 -5.75 21.36
N TYR A 79 -6.37 -4.69 21.26
CA TYR A 79 -7.07 -4.19 22.43
C TYR A 79 -8.24 -3.30 22.04
N SER A 80 -9.17 -3.15 22.98
CA SER A 80 -10.28 -2.21 22.86
C SER A 80 -10.79 -1.88 24.26
N PHE A 81 -11.75 -0.95 24.33
CA PHE A 81 -12.16 -0.34 25.58
C PHE A 81 -13.60 -0.71 25.88
N LYS A 82 -13.84 -1.18 27.09
CA LYS A 82 -15.16 -1.65 27.52
C LYS A 82 -15.63 -0.70 28.62
N LEU A 83 -16.54 0.18 28.26
CA LEU A 83 -17.05 1.17 29.22
C LEU A 83 -18.17 0.53 30.03
N LEU A 84 -18.13 0.67 31.35
CA LEU A 84 -19.07 -0.03 32.23
C LEU A 84 -19.82 0.96 33.11
N TRP A 85 -21.14 0.97 33.01
CA TRP A 85 -22.01 1.62 33.97
C TRP A 85 -22.65 0.57 34.88
N ALA A 86 -23.52 1.03 35.77
CA ALA A 86 -24.17 0.15 36.72
C ALA A 86 -25.05 -0.89 36.02
N ASP A 87 -25.67 -0.52 34.90
CA ASP A 87 -26.64 -1.39 34.25
C ASP A 87 -26.27 -1.75 32.81
N ARG A 88 -25.16 -1.27 32.28
CA ARG A 88 -24.95 -1.41 30.84
C ARG A 88 -23.47 -1.23 30.49
N GLN A 89 -23.12 -1.62 29.27
CA GLN A 89 -21.77 -1.48 28.79
C GLN A 89 -21.77 -0.88 27.38
N LEU A 90 -20.61 -0.34 26.99
CA LEU A 90 -20.41 0.22 25.66
C LEU A 90 -18.94 0.05 25.27
N TRP A 91 -18.71 -0.45 24.05
CA TRP A 91 -17.37 -0.68 23.53
C TRP A 91 -16.87 0.52 22.74
N PHE A 92 -15.61 0.90 22.93
CA PHE A 92 -14.98 1.88 22.05
C PHE A 92 -13.86 1.22 21.26
N THR A 93 -13.88 1.45 19.93
CA THR A 93 -13.18 0.69 18.91
C THR A 93 -12.59 1.61 17.84
N PRO A 94 -11.75 1.09 16.92
CA PRO A 94 -11.39 1.88 15.73
C PRO A 94 -12.58 2.40 14.95
N GLN A 95 -13.73 1.75 15.05
CA GLN A 95 -14.88 2.27 14.31
C GLN A 95 -15.92 2.83 15.28
N GLU A 96 -15.48 3.74 16.15
CA GLU A 96 -16.36 4.47 17.08
C GLU A 96 -16.96 3.54 18.14
N PHE A 97 -18.18 3.85 18.58
CA PHE A 97 -18.81 3.07 19.63
C PHE A 97 -19.51 1.86 19.03
N ASN A 98 -19.49 0.74 19.77
CA ASN A 98 -20.13 -0.52 19.38
C ASN A 98 -21.01 -1.02 20.53
N ARG A 99 -22.26 -1.37 20.23
CA ARG A 99 -23.14 -1.83 21.29
C ARG A 99 -22.95 -3.30 21.61
N PHE A 100 -22.38 -4.07 20.69
CA PHE A 100 -21.97 -5.44 20.95
C PHE A 100 -20.48 -5.56 20.66
N PRO A 101 -19.82 -6.60 21.19
CA PRO A 101 -18.35 -6.68 21.13
C PRO A 101 -17.82 -6.57 19.71
N PRO A 102 -16.70 -5.89 19.53
CA PRO A 102 -16.07 -5.84 18.21
C PRO A 102 -15.45 -7.18 17.82
N ALA A 103 -15.29 -7.36 16.51
CA ALA A 103 -14.49 -8.47 16.04
C ALA A 103 -13.07 -8.37 16.63
N ARG A 104 -12.56 -9.52 17.04
CA ARG A 104 -11.19 -9.59 17.52
C ARG A 104 -10.22 -8.93 16.55
N LEU A 105 -10.41 -9.17 15.24
CA LEU A 105 -9.53 -8.66 14.20
C LEU A 105 -9.93 -7.27 13.75
N GLU A 106 -10.82 -6.58 14.47
CA GLU A 106 -11.08 -5.18 14.17
C GLU A 106 -10.91 -4.32 15.43
N GLN A 107 -9.98 -4.70 16.29
CA GLN A 107 -9.63 -3.90 17.45
C GLN A 107 -8.51 -2.93 17.09
N PHE A 108 -8.12 -2.09 18.04
CA PHE A 108 -6.83 -1.42 17.90
C PHE A 108 -5.71 -2.46 18.00
N ALA A 109 -4.58 -2.15 17.38
CA ALA A 109 -3.48 -3.11 17.42
C ALA A 109 -2.17 -2.39 17.16
N VAL A 110 -1.16 -2.80 17.90
CA VAL A 110 0.20 -2.26 17.81
C VAL A 110 1.16 -3.42 17.86
N ASP A 111 2.18 -3.40 17.00
CA ASP A 111 3.16 -4.50 16.92
C ASP A 111 4.37 -4.13 17.78
N LEU A 112 4.46 -4.76 18.95
CA LEU A 112 5.58 -4.59 19.89
C LEU A 112 6.00 -5.96 20.39
N PRO A 113 7.18 -6.46 19.98
CA PRO A 113 8.13 -5.74 19.12
C PRO A 113 7.70 -5.75 17.67
N ASP A 114 8.15 -4.77 16.91
CA ASP A 114 7.85 -4.64 15.48
C ASP A 114 9.01 -5.23 14.69
N SER A 115 8.81 -6.38 14.08
CA SER A 115 9.82 -7.00 13.24
C SER A 115 9.63 -6.68 11.77
N GLY A 116 8.74 -5.75 11.43
CA GLY A 116 8.46 -5.43 10.05
C GLY A 116 9.55 -4.60 9.43
N PRO A 117 9.41 -4.34 8.14
CA PRO A 117 10.37 -3.47 7.45
C PRO A 117 10.11 -2.01 7.79
N GLN A 118 10.82 -1.52 8.81
CA GLN A 118 10.52 -0.20 9.34
C GLN A 118 10.92 0.94 8.41
N TRP A 119 11.73 0.66 7.40
CA TRP A 119 12.09 1.73 6.47
C TRP A 119 10.95 2.10 5.53
N VAL A 120 9.94 1.23 5.36
CA VAL A 120 8.94 1.46 4.31
C VAL A 120 8.18 2.75 4.56
N ALA A 121 7.91 3.05 5.84
CA ALA A 121 7.11 4.22 6.19
C ALA A 121 7.79 5.53 5.84
N ASP A 122 9.11 5.52 5.62
CA ASP A 122 9.89 6.72 5.31
C ASP A 122 10.08 6.95 3.82
N GLN A 123 9.43 6.17 2.97
CA GLN A 123 9.73 6.14 1.55
C GLN A 123 8.68 6.94 0.77
N VAL A 124 9.10 7.45 -0.39
CA VAL A 124 8.18 7.78 -1.48
C VAL A 124 8.54 6.87 -2.65
N PHE A 125 7.58 6.03 -3.07
CA PHE A 125 7.75 5.05 -4.13
C PHE A 125 7.37 5.60 -5.50
N TYR A 126 7.97 5.00 -6.54
CA TYR A 126 7.71 5.34 -7.93
C TYR A 126 7.71 4.03 -8.71
N GLN A 127 6.61 3.72 -9.38
CA GLN A 127 6.51 2.50 -10.17
C GLN A 127 6.84 2.76 -11.64
N ILE A 128 7.77 1.98 -12.19
CA ILE A 128 8.25 2.18 -13.55
C ILE A 128 7.93 0.94 -14.37
N PHE A 129 7.23 1.15 -15.49
CA PHE A 129 7.07 0.13 -16.52
C PHE A 129 8.27 0.25 -17.47
N PRO A 130 9.26 -0.62 -17.36
CA PRO A 130 10.61 -0.32 -17.92
C PRO A 130 10.62 0.15 -19.38
N ASP A 131 9.90 -0.53 -20.28
CA ASP A 131 9.91 -0.17 -21.71
C ASP A 131 9.39 1.24 -21.99
N ARG A 132 8.58 1.81 -21.11
CA ARG A 132 7.88 3.05 -21.42
C ARG A 132 8.42 4.23 -20.63
N PHE A 133 9.52 4.06 -19.90
CA PHE A 133 9.99 5.16 -19.06
C PHE A 133 11.10 5.99 -19.72
N ALA A 134 12.28 5.42 -19.98
CA ALA A 134 13.34 6.22 -20.56
C ALA A 134 14.37 5.35 -21.28
N ARG A 135 14.76 5.78 -22.49
CA ARG A 135 15.86 5.17 -23.23
C ARG A 135 17.19 5.71 -22.75
N SER A 136 18.17 4.84 -22.65
CA SER A 136 19.52 5.29 -22.34
C SER A 136 20.11 6.05 -23.53
N GLN A 137 21.25 6.73 -23.28
CA GLN A 137 21.89 7.54 -24.31
C GLN A 137 22.49 6.68 -25.41
N SER A 138 23.03 5.52 -25.06
CA SER A 138 23.48 4.54 -26.05
C SER A 138 22.28 3.71 -26.54
N ALA A 145 9.40 4.76 -32.93
CA ALA A 145 9.66 6.10 -32.43
C ALA A 145 8.85 6.39 -31.17
N TRP A 146 9.38 7.29 -30.33
CA TRP A 146 8.90 7.50 -28.97
C TRP A 146 7.59 8.29 -28.89
N ASP A 147 7.20 8.98 -29.96
CA ASP A 147 5.98 9.78 -29.95
C ASP A 147 4.83 9.14 -30.72
N GLU A 148 5.02 7.94 -31.28
CA GLU A 148 3.94 7.31 -32.02
C GLU A 148 2.80 6.94 -31.08
N PRO A 149 1.57 7.36 -31.36
CA PRO A 149 0.46 7.08 -30.44
C PRO A 149 0.21 5.59 -30.26
N LEU A 150 -0.08 5.23 -29.01
CA LEU A 150 -0.43 3.86 -28.65
C LEU A 150 -1.77 3.49 -29.28
N THR A 151 -1.83 2.33 -29.94
CA THR A 151 -3.08 1.85 -30.52
C THR A 151 -3.61 0.69 -29.69
N ALA A 152 -4.79 0.19 -30.06
CA ALA A 152 -5.38 -0.96 -29.38
C ALA A 152 -4.95 -2.28 -30.01
N GLU A 153 -4.76 -2.29 -31.34
CA GLU A 153 -4.28 -3.49 -32.00
C GLU A 153 -2.86 -3.83 -31.54
N ALA A 154 -1.93 -2.88 -31.68
CA ALA A 154 -0.51 -3.12 -31.51
C ALA A 154 0.00 -2.85 -30.10
N GLY A 155 -0.47 -1.77 -29.46
CA GLY A 155 -0.06 -1.42 -28.11
C GLY A 155 -0.12 -2.60 -27.15
N GLY A 156 1.02 -2.90 -26.53
CA GLY A 156 1.19 -4.12 -25.75
C GLY A 156 2.05 -5.17 -26.39
N SER A 157 2.27 -5.10 -27.71
CA SER A 157 3.29 -5.90 -28.37
C SER A 157 4.40 -5.02 -28.96
N THR A 158 4.33 -3.71 -28.80
CA THR A 158 5.26 -2.77 -29.42
C THR A 158 6.30 -2.34 -28.38
N PHE A 159 7.58 -2.55 -28.69
CA PHE A 159 8.66 -2.08 -27.83
C PHE A 159 9.02 -0.65 -28.20
N TYR A 160 8.88 0.26 -27.25
CA TYR A 160 9.38 1.62 -27.44
C TYR A 160 10.83 1.77 -27.03
N GLY A 161 11.36 0.80 -26.27
CA GLY A 161 12.79 0.70 -26.05
C GLY A 161 13.36 1.35 -24.80
N GLY A 162 12.55 1.63 -23.77
CA GLY A 162 13.12 2.03 -22.49
C GLY A 162 13.95 0.90 -21.89
N ASP A 163 14.90 1.27 -21.05
CA ASP A 163 15.79 0.30 -20.42
C ASP A 163 16.20 0.80 -19.04
N LEU A 164 16.98 -0.04 -18.35
CA LEU A 164 17.37 0.24 -16.97
C LEU A 164 18.39 1.37 -16.88
N ASP A 165 19.32 1.45 -17.83
CA ASP A 165 20.23 2.60 -17.85
C ASP A 165 19.46 3.90 -18.01
N GLY A 166 18.37 3.87 -18.77
CA GLY A 166 17.52 5.05 -18.85
C GLY A 166 17.02 5.46 -17.47
N ILE A 167 16.66 4.48 -16.65
CA ILE A 167 16.22 4.78 -15.29
C ILE A 167 17.38 5.36 -14.47
N SER A 168 18.54 4.70 -14.53
CA SER A 168 19.76 5.22 -13.91
C SER A 168 19.98 6.69 -14.30
N GLU A 169 19.93 6.98 -15.61
CA GLU A 169 20.18 8.35 -16.07
C GLU A 169 19.13 9.33 -15.58
N LYS A 170 17.93 8.87 -15.23
CA LYS A 170 16.90 9.78 -14.75
C LYS A 170 16.81 9.86 -13.23
N LEU A 171 17.70 9.19 -12.51
CA LEU A 171 17.70 9.32 -11.05
C LEU A 171 17.71 10.76 -10.55
N PRO A 172 18.45 11.70 -11.15
CA PRO A 172 18.34 13.08 -10.65
C PRO A 172 16.93 13.64 -10.75
N TYR A 173 16.23 13.36 -11.84
CA TYR A 173 14.83 13.78 -11.92
C TYR A 173 14.01 13.15 -10.80
N LEU A 174 14.22 11.86 -10.53
CA LEU A 174 13.38 11.22 -9.53
C LEU A 174 13.71 11.71 -8.12
N LYS A 175 14.98 12.04 -7.88
CA LYS A 175 15.32 12.64 -6.59
C LYS A 175 14.69 14.03 -6.46
N GLN A 176 14.74 14.83 -7.52
CA GLN A 176 14.04 16.12 -7.50
C GLN A 176 12.56 15.94 -7.20
N LEU A 177 11.94 14.88 -7.74
CA LEU A 177 10.52 14.67 -7.49
C LEU A 177 10.25 14.30 -6.03
N GLY A 178 11.23 13.76 -5.32
CA GLY A 178 11.05 13.35 -3.94
C GLY A 178 11.09 11.85 -3.76
N VAL A 179 11.40 11.09 -4.81
CA VAL A 179 11.32 9.64 -4.80
C VAL A 179 12.48 9.07 -3.99
N THR A 180 12.21 8.00 -3.25
CA THR A 180 13.26 7.35 -2.47
C THR A 180 13.31 5.85 -2.70
N ALA A 181 12.42 5.32 -3.56
CA ALA A 181 12.29 3.88 -3.74
C ALA A 181 11.63 3.63 -5.09
N LEU A 182 12.14 2.62 -5.80
CA LEU A 182 11.59 2.21 -7.09
C LEU A 182 10.92 0.85 -6.96
N TYR A 183 9.77 0.71 -7.62
CA TYR A 183 9.13 -0.57 -7.86
C TYR A 183 9.14 -0.77 -9.37
N LEU A 184 9.88 -1.76 -9.84
CA LEU A 184 9.97 -2.06 -11.26
C LEU A 184 9.00 -3.19 -11.64
N ASN A 185 8.39 -3.04 -12.80
CA ASN A 185 7.64 -4.11 -13.42
C ASN A 185 8.63 -5.17 -13.92
N PRO A 186 8.14 -6.35 -14.35
CA PRO A 186 9.06 -7.48 -14.59
C PRO A 186 10.22 -7.12 -15.52
N VAL A 187 11.42 -7.57 -15.15
CA VAL A 187 12.62 -7.29 -15.92
C VAL A 187 13.32 -8.57 -16.38
N PHE A 188 12.82 -9.74 -16.02
CA PHE A 188 13.48 -10.99 -16.36
C PHE A 188 13.18 -11.41 -17.81
N VAL A 189 14.06 -12.25 -18.36
CA VAL A 189 13.95 -12.67 -19.76
C VAL A 189 12.55 -13.22 -20.02
N ALA A 190 11.90 -12.71 -21.09
CA ALA A 190 10.53 -13.06 -21.45
C ALA A 190 10.18 -12.44 -22.82
N PRO A 191 9.30 -13.08 -23.60
CA PRO A 191 9.07 -12.60 -24.98
C PRO A 191 8.26 -11.31 -25.09
N SER A 192 7.43 -10.95 -24.10
CA SER A 192 6.54 -9.80 -24.26
C SER A 192 7.22 -8.49 -23.89
N VAL A 193 6.49 -7.39 -24.06
CA VAL A 193 6.98 -6.07 -23.65
C VAL A 193 6.79 -5.87 -22.14
N HIS A 194 5.78 -6.51 -21.54
CA HIS A 194 5.51 -6.42 -20.10
C HIS A 194 6.29 -7.47 -19.30
N LYS A 195 6.46 -8.66 -19.89
CA LYS A 195 7.34 -9.74 -19.42
C LYS A 195 6.84 -10.48 -18.19
N TYR A 196 5.51 -10.62 -18.05
CA TYR A 196 4.97 -11.52 -17.06
C TYR A 196 4.97 -12.98 -17.51
N ASP A 197 5.30 -13.22 -18.78
CA ASP A 197 5.47 -14.58 -19.30
C ASP A 197 6.94 -14.97 -19.17
N THR A 198 7.34 -15.16 -17.91
CA THR A 198 8.74 -15.40 -17.57
C THR A 198 9.31 -16.60 -18.30
N GLU A 199 10.43 -16.40 -18.99
CA GLU A 199 11.18 -17.47 -19.62
C GLU A 199 12.38 -17.92 -18.79
N ASP A 200 12.98 -17.01 -18.03
CA ASP A 200 14.17 -17.30 -17.23
C ASP A 200 14.17 -16.37 -16.03
N TYR A 201 13.98 -16.92 -14.83
CA TYR A 201 14.03 -16.14 -13.60
C TYR A 201 15.43 -15.76 -13.18
N ARG A 202 16.46 -16.27 -13.86
CA ARG A 202 17.84 -16.05 -13.43
C ARG A 202 18.54 -14.95 -14.22
N ARG A 203 17.96 -14.48 -15.32
CA ARG A 203 18.63 -13.52 -16.19
C ARG A 203 17.70 -12.34 -16.48
N VAL A 204 18.30 -11.15 -16.53
CA VAL A 204 17.59 -9.93 -16.92
C VAL A 204 17.52 -9.86 -18.43
N ASP A 205 16.35 -9.49 -18.95
CA ASP A 205 16.15 -9.49 -20.38
C ASP A 205 17.10 -8.51 -21.07
N PRO A 206 17.85 -8.95 -22.08
CA PRO A 206 18.73 -8.02 -22.82
C PRO A 206 18.01 -6.80 -23.33
N GLN A 207 16.70 -6.89 -23.63
CA GLN A 207 16.00 -5.75 -24.19
C GLN A 207 15.97 -4.56 -23.21
N PHE A 208 16.08 -4.83 -21.92
CA PHE A 208 16.11 -3.79 -20.91
C PHE A 208 17.53 -3.44 -20.49
N GLY A 209 18.53 -4.01 -21.15
CA GLY A 209 19.92 -3.78 -20.78
C GLY A 209 20.60 -4.95 -20.10
N GLY A 210 19.90 -6.08 -19.89
CA GLY A 210 20.51 -7.27 -19.33
C GLY A 210 21.00 -7.13 -17.88
N ASP A 211 21.71 -8.17 -17.44
CA ASP A 211 22.23 -8.22 -16.08
C ASP A 211 23.09 -7.00 -15.75
N ALA A 212 23.94 -6.57 -16.69
CA ALA A 212 24.85 -5.47 -16.41
C ALA A 212 24.08 -4.19 -16.09
N ALA A 213 22.94 -3.98 -16.76
CA ALA A 213 22.21 -2.74 -16.53
C ALA A 213 21.47 -2.75 -15.19
N LEU A 214 21.01 -3.93 -14.73
CA LEU A 214 20.37 -3.99 -13.42
C LEU A 214 21.40 -3.88 -12.30
N LEU A 215 22.59 -4.47 -12.51
CA LEU A 215 23.69 -4.23 -11.59
C LEU A 215 23.99 -2.75 -11.44
N ARG A 216 24.07 -2.02 -12.56
CA ARG A 216 24.32 -0.57 -12.46
C ARG A 216 23.19 0.14 -11.72
N LEU A 217 21.92 -0.21 -12.01
CA LEU A 217 20.80 0.44 -11.33
C LEU A 217 20.84 0.18 -9.83
N ARG A 218 21.18 -1.05 -9.43
CA ARG A 218 21.36 -1.32 -8.00
C ARG A 218 22.46 -0.46 -7.41
N HIS A 219 23.59 -0.33 -8.11
CA HIS A 219 24.66 0.54 -7.62
C HIS A 219 24.20 1.99 -7.52
N ASN A 220 23.57 2.49 -8.58
CA ASN A 220 23.23 3.91 -8.60
C ASN A 220 22.16 4.24 -7.58
N THR A 221 21.16 3.37 -7.42
CA THR A 221 20.15 3.58 -6.40
C THR A 221 20.75 3.51 -5.00
N GLN A 222 21.57 2.49 -4.73
CA GLN A 222 22.30 2.42 -3.47
C GLN A 222 23.00 3.74 -3.18
N LYS A 223 23.80 4.21 -4.14
CA LYS A 223 24.59 5.42 -3.95
C LYS A 223 23.70 6.64 -3.71
N GLU A 224 22.49 6.65 -4.27
CA GLU A 224 21.56 7.76 -4.08
C GLU A 224 20.59 7.51 -2.91
N GLY A 225 20.86 6.51 -2.10
CA GLY A 225 20.00 6.24 -0.95
C GLY A 225 18.59 5.78 -1.29
N MET A 226 18.42 5.09 -2.41
CA MET A 226 17.10 4.71 -2.88
C MET A 226 16.93 3.20 -2.81
N ARG A 227 15.73 2.78 -2.43
CA ARG A 227 15.34 1.38 -2.40
C ARG A 227 14.86 0.92 -3.77
N LEU A 228 14.88 -0.40 -3.97
CA LEU A 228 14.61 -1.02 -5.27
C LEU A 228 13.85 -2.33 -5.06
N ILE A 229 12.63 -2.41 -5.59
CA ILE A 229 11.77 -3.58 -5.45
C ILE A 229 11.52 -4.17 -6.83
N LEU A 230 11.64 -5.50 -6.95
CA LEU A 230 11.38 -6.17 -8.22
C LEU A 230 10.01 -6.86 -8.23
N ASP A 231 9.46 -7.01 -9.43
CA ASP A 231 8.17 -7.68 -9.63
C ASP A 231 8.36 -9.20 -9.64
N GLY A 232 7.77 -9.89 -8.67
CA GLY A 232 7.95 -11.32 -8.53
C GLY A 232 6.77 -12.13 -9.01
N VAL A 233 6.96 -12.92 -10.08
CA VAL A 233 5.87 -13.59 -10.78
C VAL A 233 6.02 -15.09 -10.53
N PHE A 234 5.27 -15.60 -9.55
CA PHE A 234 5.44 -16.98 -9.11
C PHE A 234 4.15 -17.80 -9.14
N ASN A 235 3.00 -17.19 -9.37
CA ASN A 235 1.78 -17.95 -9.58
C ASN A 235 1.86 -18.80 -10.84
N HIS A 236 2.53 -18.29 -11.88
CA HIS A 236 2.63 -18.93 -13.17
C HIS A 236 3.98 -18.58 -13.80
N SER A 237 4.39 -19.40 -14.77
CA SER A 237 5.56 -19.15 -15.59
C SER A 237 5.10 -18.76 -16.99
N GLY A 238 6.06 -18.38 -17.84
CA GLY A 238 5.77 -18.22 -19.25
C GLY A 238 5.71 -19.56 -19.96
N ASP A 239 4.90 -19.63 -21.02
CA ASP A 239 4.82 -20.88 -21.76
C ASP A 239 6.08 -21.16 -22.58
N SER A 240 7.01 -20.20 -22.69
CA SER A 240 8.29 -20.41 -23.35
C SER A 240 9.42 -20.74 -22.38
N HIS A 241 9.10 -20.84 -21.08
CA HIS A 241 10.10 -21.25 -20.10
C HIS A 241 10.56 -22.68 -20.40
N ALA A 242 11.84 -22.96 -20.15
CA ALA A 242 12.36 -24.30 -20.38
C ALA A 242 11.58 -25.35 -19.60
N TRP A 243 11.08 -24.98 -18.41
CA TRP A 243 10.31 -25.93 -17.60
C TRP A 243 9.07 -26.39 -18.34
N PHE A 244 8.40 -25.48 -19.07
CA PHE A 244 7.16 -25.78 -19.74
C PHE A 244 7.38 -26.01 -21.23
N ASP A 245 7.81 -24.96 -21.93
CA ASP A 245 8.32 -25.09 -23.30
C ASP A 245 7.25 -25.55 -24.30
N ARG A 246 6.28 -24.66 -24.60
CA ARG A 246 5.22 -24.97 -25.55
C ARG A 246 5.76 -25.37 -26.91
N HIS A 247 6.87 -24.77 -27.33
CA HIS A 247 7.35 -24.89 -28.70
C HIS A 247 8.57 -25.80 -28.83
N GLN A 248 8.74 -26.73 -27.88
CA GLN A 248 9.77 -27.77 -27.91
C GLN A 248 11.14 -27.24 -28.33
N ARG A 249 11.47 -26.00 -27.94
CA ARG A 249 12.81 -25.46 -28.16
C ARG A 249 13.86 -26.22 -27.37
N GLY A 250 13.46 -27.13 -26.48
CA GLY A 250 14.37 -27.95 -25.71
C GLY A 250 13.94 -29.40 -25.76
N SER A 251 14.59 -30.28 -24.99
CA SER A 251 14.34 -31.72 -25.10
C SER A 251 13.26 -32.22 -24.14
N GLY A 252 13.27 -31.75 -22.89
CA GLY A 252 12.40 -32.31 -21.86
C GLY A 252 11.48 -31.34 -21.18
N GLY A 253 10.77 -30.51 -21.95
CA GLY A 253 9.79 -29.61 -21.37
C GLY A 253 8.59 -30.34 -20.80
N ALA A 254 7.83 -29.63 -19.96
CA ALA A 254 6.68 -30.26 -19.31
C ALA A 254 5.47 -30.35 -20.22
N CYS A 255 5.31 -29.40 -21.14
CA CYS A 255 4.12 -29.38 -21.98
C CYS A 255 4.05 -30.60 -22.90
N HIS A 256 5.20 -31.12 -23.34
CA HIS A 256 5.24 -32.13 -24.39
C HIS A 256 6.05 -33.36 -24.00
N ASN A 257 6.27 -33.61 -22.71
CA ASN A 257 7.04 -34.77 -22.26
C ASN A 257 6.48 -35.22 -20.92
N ALA A 258 5.89 -36.42 -20.88
CA ALA A 258 5.37 -36.95 -19.62
C ALA A 258 6.50 -37.27 -18.63
N ASP A 259 7.71 -37.54 -19.13
CA ASP A 259 8.85 -37.87 -18.29
C ASP A 259 9.69 -36.65 -17.93
N SER A 260 9.19 -35.44 -18.18
CA SER A 260 9.96 -34.24 -17.95
C SER A 260 10.27 -34.08 -16.46
N PRO A 261 11.47 -33.58 -16.12
CA PRO A 261 11.77 -33.34 -14.70
C PRO A 261 10.80 -32.37 -14.04
N TRP A 262 10.02 -31.62 -14.82
CA TRP A 262 9.10 -30.62 -14.29
C TRP A 262 7.65 -30.89 -14.68
N ARG A 263 7.32 -32.13 -15.05
CA ARG A 263 5.96 -32.43 -15.48
C ARG A 263 4.94 -32.09 -14.39
N ASP A 264 5.30 -32.30 -13.12
CA ASP A 264 4.45 -32.06 -11.96
C ASP A 264 4.59 -30.65 -11.41
N TRP A 265 5.32 -29.76 -12.08
CA TRP A 265 5.28 -28.35 -11.77
C TRP A 265 4.08 -27.65 -12.41
N TYR A 266 3.31 -28.39 -13.22
CA TYR A 266 2.12 -27.87 -13.87
C TYR A 266 0.98 -28.87 -13.69
N ASN A 267 -0.26 -28.39 -13.86
CA ASN A 267 -1.45 -29.25 -13.79
C ASN A 267 -2.03 -29.36 -15.19
N PHE A 268 -2.15 -30.59 -15.68
CA PHE A 268 -2.76 -30.86 -16.97
C PHE A 268 -4.05 -31.64 -16.74
N SER A 269 -5.12 -31.22 -17.42
CA SER A 269 -6.43 -31.81 -17.24
C SER A 269 -6.44 -33.26 -17.74
N PRO A 270 -7.50 -34.02 -17.43
CA PRO A 270 -7.69 -35.32 -18.11
C PRO A 270 -7.55 -35.25 -19.62
N GLU A 271 -8.02 -34.17 -20.26
CA GLU A 271 -7.87 -34.00 -21.70
C GLU A 271 -6.48 -33.51 -22.09
N GLY A 272 -5.72 -32.95 -21.15
CA GLY A 272 -4.36 -32.54 -21.43
C GLY A 272 -4.12 -31.05 -21.58
N VAL A 273 -5.07 -30.20 -21.19
CA VAL A 273 -4.89 -28.76 -21.24
C VAL A 273 -4.29 -28.28 -19.93
N ALA A 274 -3.20 -27.53 -20.00
CA ALA A 274 -2.57 -27.02 -18.80
C ALA A 274 -3.45 -25.99 -18.13
N HIS A 275 -3.49 -26.01 -16.79
CA HIS A 275 -4.09 -24.91 -16.04
C HIS A 275 -3.24 -23.66 -16.22
N ASP A 276 -3.90 -22.51 -16.35
CA ASP A 276 -3.21 -21.25 -16.62
C ASP A 276 -3.92 -20.10 -15.89
N TRP A 277 -3.45 -18.89 -16.13
CA TRP A 277 -3.97 -17.70 -15.45
C TRP A 277 -5.14 -17.14 -16.25
N LEU A 278 -6.35 -17.29 -15.71
CA LEU A 278 -7.55 -16.65 -16.26
C LEU A 278 -7.68 -16.87 -17.76
N GLY A 279 -7.31 -18.06 -18.23
CA GLY A 279 -7.49 -18.44 -19.62
C GLY A 279 -6.37 -18.03 -20.57
N TYR A 280 -5.29 -17.41 -20.10
CA TYR A 280 -4.20 -17.02 -20.97
C TYR A 280 -3.20 -18.19 -21.06
N ALA A 281 -3.16 -18.82 -22.23
CA ALA A 281 -2.36 -20.02 -22.43
C ALA A 281 -0.86 -19.76 -22.38
N SER A 282 -0.43 -18.51 -22.52
CA SER A 282 0.99 -18.19 -22.42
C SER A 282 1.45 -18.06 -20.97
N LEU A 283 0.58 -18.32 -19.99
CA LEU A 283 0.91 -18.18 -18.57
C LEU A 283 0.47 -19.43 -17.78
N PRO A 284 1.08 -20.58 -18.05
CA PRO A 284 0.70 -21.81 -17.33
C PRO A 284 1.00 -21.74 -15.83
N LYS A 285 0.07 -22.25 -15.03
CA LYS A 285 0.11 -22.08 -13.58
C LYS A 285 0.99 -23.15 -12.93
N LEU A 286 1.78 -22.71 -11.93
CA LEU A 286 2.75 -23.57 -11.27
C LEU A 286 2.09 -24.34 -10.12
N ASP A 287 2.32 -25.66 -10.10
CA ASP A 287 1.68 -26.55 -9.14
C ASP A 287 2.57 -26.68 -7.91
N TYR A 288 2.21 -25.96 -6.86
CA TYR A 288 3.00 -25.93 -5.63
C TYR A 288 2.79 -27.14 -4.73
N ARG A 289 2.07 -28.17 -5.19
CA ARG A 289 2.12 -29.43 -4.47
C ARG A 289 3.51 -30.05 -4.56
N SER A 290 4.22 -29.79 -5.67
CA SER A 290 5.52 -30.41 -5.94
C SER A 290 6.62 -29.83 -5.04
N SER A 291 7.28 -30.71 -4.28
CA SER A 291 8.30 -30.24 -3.34
C SER A 291 9.55 -29.70 -4.02
N THR A 292 9.81 -30.09 -5.27
CA THR A 292 10.95 -29.51 -5.97
C THR A 292 10.64 -28.09 -6.46
N LEU A 293 9.42 -27.85 -6.95
CA LEU A 293 9.03 -26.49 -7.28
C LEU A 293 9.15 -25.58 -6.06
N ILE A 294 8.74 -26.07 -4.88
CA ILE A 294 8.81 -25.27 -3.66
C ILE A 294 10.25 -24.90 -3.36
N ASP A 295 11.16 -25.87 -3.49
CA ASP A 295 12.58 -25.61 -3.26
C ASP A 295 13.14 -24.63 -4.28
N GLU A 296 12.65 -24.69 -5.52
CA GLU A 296 13.19 -23.83 -6.57
C GLU A 296 12.74 -22.38 -6.38
N ILE A 297 11.50 -22.16 -5.95
CA ILE A 297 10.95 -20.81 -5.85
C ILE A 297 11.36 -20.14 -4.55
N TYR A 298 11.17 -20.80 -3.40
CA TYR A 298 11.51 -20.14 -2.13
C TYR A 298 12.17 -21.02 -1.08
N GLY A 299 12.11 -22.34 -1.17
CA GLY A 299 12.60 -23.17 -0.09
C GLY A 299 14.11 -23.31 -0.06
N GLY A 300 14.73 -23.41 -1.23
CA GLY A 300 16.16 -23.61 -1.30
C GLY A 300 16.96 -22.35 -1.00
N GLU A 301 18.23 -22.55 -0.63
CA GLU A 301 19.10 -21.42 -0.31
C GLU A 301 19.28 -20.51 -1.52
N ASP A 302 19.38 -21.08 -2.72
CA ASP A 302 19.47 -20.27 -3.93
C ASP A 302 18.17 -20.35 -4.74
N SER A 303 17.03 -20.43 -4.05
CA SER A 303 15.75 -20.30 -4.72
C SER A 303 15.62 -18.90 -5.32
N VAL A 304 14.68 -18.76 -6.26
CA VAL A 304 14.55 -17.50 -6.99
C VAL A 304 14.32 -16.33 -6.04
N VAL A 305 13.50 -16.54 -5.01
CA VAL A 305 13.13 -15.47 -4.09
C VAL A 305 14.36 -14.95 -3.35
N ARG A 306 15.24 -15.85 -2.94
CA ARG A 306 16.42 -15.40 -2.21
C ARG A 306 17.52 -14.95 -3.15
N HIS A 307 17.56 -15.50 -4.37
CA HIS A 307 18.65 -15.21 -5.30
C HIS A 307 18.82 -13.70 -5.49
N TRP A 308 17.74 -12.99 -5.81
CA TRP A 308 17.84 -11.56 -6.09
C TRP A 308 17.90 -10.71 -4.84
N LEU A 309 17.83 -11.31 -3.65
CA LEU A 309 17.96 -10.54 -2.42
C LEU A 309 19.36 -10.62 -1.80
N LYS A 310 20.24 -11.49 -2.28
CA LYS A 310 21.61 -11.48 -1.80
C LYS A 310 22.55 -10.90 -2.85
N ALA A 311 23.76 -10.60 -2.41
CA ALA A 311 24.76 -10.04 -3.28
C ALA A 311 24.98 -10.96 -4.48
N PRO A 312 25.22 -10.42 -5.68
CA PRO A 312 25.43 -8.98 -5.92
C PRO A 312 24.14 -8.19 -6.14
N TRP A 313 23.00 -8.89 -6.11
CA TRP A 313 21.76 -8.22 -6.50
C TRP A 313 21.21 -7.36 -5.36
N SER A 314 21.09 -7.94 -4.16
CA SER A 314 20.75 -7.17 -2.96
C SER A 314 19.52 -6.27 -3.18
N MET A 315 18.50 -6.79 -3.84
CA MET A 315 17.26 -6.04 -3.98
C MET A 315 16.58 -5.90 -2.61
N ASP A 316 15.73 -4.89 -2.48
CA ASP A 316 15.13 -4.58 -1.19
C ASP A 316 13.84 -5.36 -0.92
N GLY A 317 13.37 -6.18 -1.83
CA GLY A 317 12.15 -6.92 -1.61
C GLY A 317 11.49 -7.29 -2.92
N TRP A 318 10.21 -7.65 -2.81
CA TRP A 318 9.45 -8.26 -3.89
C TRP A 318 8.02 -7.74 -3.85
N ARG A 319 7.52 -7.31 -5.01
CA ARG A 319 6.10 -7.22 -5.27
C ARG A 319 5.64 -8.55 -5.85
N LEU A 320 4.67 -9.21 -5.20
CA LEU A 320 4.24 -10.55 -5.61
C LEU A 320 3.03 -10.45 -6.54
N ASP A 321 3.23 -10.78 -7.81
CA ASP A 321 2.17 -10.73 -8.80
C ASP A 321 1.13 -11.83 -8.55
N VAL A 322 -0.14 -11.47 -8.68
CA VAL A 322 -1.24 -12.42 -8.51
C VAL A 322 -1.00 -13.22 -7.23
N VAL A 323 -0.71 -12.52 -6.13
CA VAL A 323 -0.35 -13.19 -4.89
C VAL A 323 -1.49 -14.08 -4.40
N HIS A 324 -2.73 -13.72 -4.73
CA HIS A 324 -3.88 -14.35 -4.10
C HIS A 324 -4.23 -15.72 -4.71
N MET A 325 -3.75 -16.03 -5.92
CA MET A 325 -4.11 -17.27 -6.61
C MET A 325 -3.04 -18.35 -6.54
N LEU A 326 -1.81 -18.01 -6.14
CA LEU A 326 -0.75 -18.98 -6.04
C LEU A 326 -1.15 -20.14 -5.12
N GLY A 327 -0.89 -21.37 -5.57
CA GLY A 327 -1.22 -22.52 -4.75
C GLY A 327 -1.03 -23.82 -5.50
N GLU A 328 -1.73 -24.85 -5.03
CA GLU A 328 -1.54 -26.21 -5.50
C GLU A 328 -2.69 -26.68 -6.37
N GLY A 329 -2.38 -27.63 -7.25
CA GLY A 329 -3.41 -28.41 -7.91
C GLY A 329 -4.18 -27.70 -8.99
N GLY A 330 -3.68 -26.57 -9.48
CA GLY A 330 -4.36 -25.80 -10.51
C GLY A 330 -5.16 -24.63 -9.99
N GLY A 331 -5.15 -24.40 -8.68
CA GLY A 331 -5.89 -23.30 -8.07
C GLY A 331 -5.14 -22.75 -6.86
N ALA A 332 -5.88 -22.22 -5.89
CA ALA A 332 -5.29 -21.51 -4.76
C ALA A 332 -5.20 -22.34 -3.49
N ARG A 333 -5.32 -23.67 -3.59
CA ARG A 333 -5.25 -24.54 -2.41
C ARG A 333 -3.91 -24.36 -1.68
N ASN A 334 -4.00 -24.08 -0.37
CA ASN A 334 -2.84 -23.83 0.49
C ASN A 334 -2.11 -22.54 0.12
N ASN A 335 -2.85 -21.55 -0.37
CA ASN A 335 -2.26 -20.28 -0.77
C ASN A 335 -1.54 -19.60 0.40
N LEU A 336 -2.21 -19.50 1.55
CA LEU A 336 -1.65 -18.75 2.67
C LEU A 336 -0.32 -19.32 3.12
N ARG A 337 -0.20 -20.66 3.17
CA ARG A 337 1.06 -21.28 3.54
C ARG A 337 2.18 -20.91 2.59
N HIS A 338 1.88 -20.87 1.28
CA HIS A 338 2.94 -20.64 0.31
C HIS A 338 3.39 -19.18 0.29
N ILE A 339 2.46 -18.23 0.41
CA ILE A 339 2.86 -16.83 0.52
C ILE A 339 3.68 -16.63 1.78
N ALA A 340 3.29 -17.27 2.89
CA ALA A 340 4.09 -17.20 4.10
C ALA A 340 5.49 -17.75 3.86
N GLY A 341 5.59 -18.87 3.13
CA GLY A 341 6.90 -19.42 2.84
C GLY A 341 7.76 -18.48 2.02
N ILE A 342 7.17 -17.81 1.03
CA ILE A 342 7.91 -16.85 0.22
C ILE A 342 8.43 -15.72 1.09
N THR A 343 7.54 -15.10 1.87
CA THR A 343 7.95 -14.02 2.76
C THR A 343 9.02 -14.49 3.74
N GLN A 344 8.82 -15.67 4.35
CA GLN A 344 9.82 -16.18 5.29
C GLN A 344 11.17 -16.38 4.61
N ALA A 345 11.19 -16.96 3.42
CA ALA A 345 12.44 -17.09 2.69
C ALA A 345 13.08 -15.73 2.46
N ALA A 346 12.28 -14.73 2.09
CA ALA A 346 12.85 -13.41 1.82
C ALA A 346 13.51 -12.82 3.06
N LYS A 347 12.91 -12.99 4.23
CA LYS A 347 13.45 -12.39 5.44
C LYS A 347 14.67 -13.14 5.97
N LEU A 348 14.77 -14.43 5.65
CA LEU A 348 16.00 -15.17 5.93
C LEU A 348 17.18 -14.54 5.22
N GLU A 349 17.00 -14.19 3.94
CA GLU A 349 18.08 -13.59 3.17
C GLU A 349 18.35 -12.18 3.64
N ARG A 350 17.32 -11.36 3.77
CA ARG A 350 17.43 -9.98 4.24
C ARG A 350 16.34 -9.73 5.27
N PRO A 351 16.69 -9.61 6.56
CA PRO A 351 15.66 -9.40 7.60
C PRO A 351 14.73 -8.21 7.36
N ASP A 352 15.19 -7.14 6.69
CA ASP A 352 14.32 -6.01 6.43
C ASP A 352 13.79 -5.99 5.00
N ALA A 353 13.69 -7.15 4.36
CA ALA A 353 13.06 -7.24 3.05
C ALA A 353 11.59 -6.88 3.12
N PHE A 354 11.15 -6.07 2.16
CA PHE A 354 9.76 -5.64 2.02
C PHE A 354 9.07 -6.54 1.02
N VAL A 355 8.08 -7.32 1.48
CA VAL A 355 7.33 -8.23 0.62
C VAL A 355 5.88 -7.80 0.64
N PHE A 356 5.35 -7.38 -0.52
CA PHE A 356 3.94 -6.98 -0.61
C PHE A 356 3.23 -7.58 -1.82
N GLY A 357 1.93 -7.80 -1.69
CA GLY A 357 1.15 -8.53 -2.67
C GLY A 357 0.21 -7.65 -3.48
N GLU A 358 0.05 -8.00 -4.75
CA GLU A 358 -0.96 -7.40 -5.61
C GLU A 358 -2.33 -7.93 -5.20
N HIS A 359 -3.15 -7.10 -4.57
CA HIS A 359 -4.51 -7.46 -4.18
C HIS A 359 -5.49 -6.44 -4.77
N PHE A 360 -6.13 -6.79 -5.89
CA PHE A 360 -7.25 -5.98 -6.35
C PHE A 360 -8.44 -6.11 -5.41
N GLY A 361 -8.60 -7.26 -4.75
CA GLY A 361 -9.69 -7.50 -3.83
C GLY A 361 -9.34 -7.24 -2.38
N ASP A 362 -10.09 -7.88 -1.48
CA ASP A 362 -9.96 -7.69 -0.04
C ASP A 362 -8.80 -8.52 0.50
N ALA A 363 -7.70 -7.85 0.89
CA ALA A 363 -6.48 -8.52 1.33
C ALA A 363 -6.43 -8.85 2.82
N ARG A 364 -7.47 -8.53 3.60
CA ARG A 364 -7.35 -8.55 5.06
C ARG A 364 -6.94 -9.92 5.61
N GLN A 365 -7.47 -11.01 5.03
CA GLN A 365 -7.12 -12.33 5.55
C GLN A 365 -5.64 -12.62 5.40
N TRP A 366 -5.04 -12.21 4.27
CA TRP A 366 -3.60 -12.37 4.09
C TRP A 366 -2.83 -11.54 5.10
N LEU A 367 -3.14 -10.25 5.19
CA LEU A 367 -2.43 -9.36 6.10
C LEU A 367 -2.68 -9.74 7.56
N GLN A 368 -3.91 -10.18 7.88
CA GLN A 368 -4.24 -10.51 9.27
C GLN A 368 -3.57 -11.80 9.74
N ALA A 369 -3.13 -12.66 8.83
CA ALA A 369 -2.30 -13.80 9.17
C ALA A 369 -0.81 -13.53 8.98
N ASP A 370 -0.44 -12.31 8.60
CA ASP A 370 0.97 -11.89 8.50
C ASP A 370 1.77 -12.70 7.49
N VAL A 371 1.13 -13.14 6.40
CA VAL A 371 1.87 -13.87 5.37
C VAL A 371 2.64 -12.93 4.45
N GLU A 372 2.47 -11.62 4.61
CA GLU A 372 3.15 -10.64 3.79
C GLU A 372 3.07 -9.32 4.54
N ASP A 373 4.00 -8.41 4.25
CA ASP A 373 4.09 -7.17 5.01
C ASP A 373 3.00 -6.18 4.66
N SER A 374 2.44 -6.25 3.46
CA SER A 374 1.66 -5.14 2.93
C SER A 374 0.95 -5.60 1.67
N ALA A 375 0.11 -4.71 1.11
CA ALA A 375 -0.53 -4.95 -0.16
C ALA A 375 -0.69 -3.66 -0.94
N MET A 376 -0.67 -3.79 -2.26
CA MET A 376 -1.17 -2.72 -3.13
C MET A 376 -2.59 -2.40 -2.67
N ASN A 377 -2.81 -1.24 -2.06
CA ASN A 377 -4.02 -1.03 -1.29
C ASN A 377 -5.19 -0.56 -2.16
N TYR A 378 -5.52 -1.37 -3.16
CA TYR A 378 -6.66 -1.04 -4.04
C TYR A 378 -7.97 -0.97 -3.27
N ARG A 379 -8.21 -1.92 -2.36
CA ARG A 379 -9.48 -1.95 -1.66
C ARG A 379 -9.56 -0.89 -0.57
N GLY A 380 -8.45 -0.65 0.12
CA GLY A 380 -8.47 0.25 1.25
C GLY A 380 -8.20 1.71 0.92
N PHE A 381 -7.69 1.99 -0.28
CA PHE A 381 -7.34 3.36 -0.67
C PHE A 381 -7.81 3.72 -2.08
N THR A 382 -7.39 2.94 -3.09
CA THR A 382 -7.62 3.35 -4.48
C THR A 382 -9.11 3.47 -4.80
N PHE A 383 -9.87 2.39 -4.58
CA PHE A 383 -11.26 2.39 -5.03
C PHE A 383 -12.16 3.32 -4.23
N PRO A 384 -11.93 3.51 -2.92
CA PRO A 384 -12.61 4.63 -2.24
C PRO A 384 -12.44 5.98 -2.92
N LEU A 385 -11.24 6.29 -3.43
CA LEU A 385 -11.03 7.57 -4.09
C LEU A 385 -11.67 7.59 -5.48
N TRP A 386 -11.54 6.51 -6.26
CA TRP A 386 -12.26 6.42 -7.54
C TRP A 386 -13.75 6.69 -7.39
N GLY A 387 -14.36 6.17 -6.32
CA GLY A 387 -15.79 6.34 -6.14
C GLY A 387 -16.14 7.73 -5.67
N PHE A 388 -15.50 8.18 -4.58
CA PHE A 388 -15.82 9.49 -4.05
C PHE A 388 -15.45 10.62 -5.02
N LEU A 389 -14.32 10.48 -5.71
CA LEU A 389 -13.81 11.55 -6.59
C LEU A 389 -14.19 11.38 -8.05
N ALA A 390 -14.22 10.16 -8.58
CA ALA A 390 -14.45 9.93 -10.02
C ALA A 390 -15.69 9.12 -10.35
N ASN A 391 -16.57 8.85 -9.37
CA ASN A 391 -17.85 8.16 -9.60
C ASN A 391 -17.71 6.83 -10.30
N THR A 392 -16.61 6.11 -10.08
CA THR A 392 -16.44 4.82 -10.75
C THR A 392 -15.75 3.85 -9.80
N ASP A 393 -15.49 2.64 -10.29
CA ASP A 393 -14.95 1.60 -9.41
C ASP A 393 -14.17 0.60 -10.25
N ILE A 394 -13.76 -0.50 -9.61
CA ILE A 394 -12.84 -1.47 -10.23
C ILE A 394 -13.37 -1.97 -11.57
N SER A 395 -14.68 -2.06 -11.74
CA SER A 395 -15.26 -2.55 -12.98
C SER A 395 -15.69 -1.41 -13.89
N TYR A 396 -15.32 -0.18 -13.53
CA TYR A 396 -15.79 1.02 -14.22
C TYR A 396 -17.33 1.08 -14.25
N ASP A 397 -17.97 0.50 -13.18
CA ASP A 397 -19.38 0.64 -12.87
C ASP A 397 -19.60 1.96 -12.15
N PRO A 398 -20.73 2.65 -12.41
CA PRO A 398 -20.97 3.94 -11.78
C PRO A 398 -21.03 3.81 -10.27
N GLN A 399 -20.67 4.89 -9.59
CA GLN A 399 -20.55 4.90 -8.15
C GLN A 399 -21.01 6.26 -7.65
N LYS A 400 -21.92 6.28 -6.68
CA LYS A 400 -22.42 7.52 -6.07
C LYS A 400 -22.28 7.41 -4.55
N ILE A 401 -21.09 7.66 -4.03
CA ILE A 401 -20.86 7.61 -2.60
C ILE A 401 -20.39 8.98 -2.11
N ASP A 402 -20.83 9.35 -0.91
CA ASP A 402 -20.50 10.63 -0.32
C ASP A 402 -19.33 10.47 0.66
N ALA A 403 -19.03 11.53 1.40
CA ALA A 403 -17.89 11.52 2.32
C ALA A 403 -18.10 10.53 3.45
N GLN A 404 -19.28 10.53 4.07
CA GLN A 404 -19.64 9.54 5.10
C GLN A 404 -19.28 8.13 4.64
N THR A 405 -19.81 7.74 3.48
CA THR A 405 -19.59 6.39 2.97
C THR A 405 -18.13 6.16 2.65
N CYS A 406 -17.50 7.13 1.99
CA CYS A 406 -16.09 6.98 1.62
C CYS A 406 -15.22 6.75 2.84
N MET A 407 -15.46 7.51 3.91
CA MET A 407 -14.63 7.33 5.09
C MET A 407 -15.05 6.13 5.94
N ALA A 408 -16.34 5.77 5.96
CA ALA A 408 -16.70 4.52 6.62
C ALA A 408 -15.98 3.36 5.96
N TRP A 409 -15.90 3.40 4.64
CA TRP A 409 -15.20 2.37 3.86
C TRP A 409 -13.71 2.35 4.20
N MET A 410 -13.04 3.51 4.10
CA MET A 410 -11.59 3.53 4.33
C MET A 410 -11.26 3.16 5.76
N ASP A 411 -12.06 3.64 6.74
CA ASP A 411 -11.78 3.34 8.14
C ASP A 411 -12.16 1.90 8.48
N ASN A 412 -13.15 1.34 7.80
CA ASN A 412 -13.49 -0.06 8.04
C ASN A 412 -12.35 -0.96 7.62
N TYR A 413 -11.76 -0.69 6.45
CA TYR A 413 -10.66 -1.51 6.00
C TYR A 413 -9.47 -1.42 6.95
N ARG A 414 -9.01 -0.20 7.27
CA ARG A 414 -7.90 0.00 8.20
C ARG A 414 -8.10 -0.74 9.50
N ALA A 415 -9.36 -0.84 9.96
CA ALA A 415 -9.62 -1.39 11.28
C ALA A 415 -9.11 -2.82 11.41
N GLY A 416 -8.96 -3.52 10.30
CA GLY A 416 -8.43 -4.86 10.30
C GLY A 416 -6.93 -4.94 10.40
N LEU A 417 -6.25 -3.80 10.52
CA LEU A 417 -4.80 -3.71 10.41
C LEU A 417 -4.20 -3.03 11.63
N SER A 418 -3.03 -3.50 12.05
CA SER A 418 -2.34 -2.82 13.13
C SER A 418 -1.83 -1.46 12.65
N HIS A 419 -1.46 -0.61 13.60
CA HIS A 419 -0.91 0.70 13.20
C HIS A 419 0.30 0.53 12.32
N GLN A 420 1.19 -0.41 12.66
CA GLN A 420 2.40 -0.61 11.86
C GLN A 420 2.05 -1.15 10.48
N GLN A 421 1.04 -1.99 10.38
CA GLN A 421 0.64 -2.46 9.04
C GLN A 421 0.06 -1.32 8.22
N GLN A 422 -0.75 -0.47 8.85
CA GLN A 422 -1.37 0.64 8.13
C GLN A 422 -0.31 1.55 7.53
N LEU A 423 0.77 1.78 8.26
CA LEU A 423 1.79 2.72 7.83
C LEU A 423 2.57 2.23 6.62
N ARG A 424 2.58 0.93 6.33
CA ARG A 424 3.32 0.42 5.18
C ARG A 424 2.43 -0.09 4.05
N MET A 425 1.12 0.14 4.11
CA MET A 425 0.25 -0.19 2.99
C MET A 425 0.64 0.62 1.76
N PHE A 426 0.64 -0.04 0.60
CA PHE A 426 1.16 0.49 -0.68
C PHE A 426 0.04 1.24 -1.40
N ASN A 427 -0.10 2.52 -1.11
CA ASN A 427 -1.20 3.31 -1.64
C ASN A 427 -0.85 3.94 -2.99
N GLN A 428 -1.73 3.76 -3.98
CA GLN A 428 -1.55 4.49 -5.23
C GLN A 428 -2.90 4.80 -5.86
N LEU A 429 -2.88 5.71 -6.82
CA LEU A 429 -4.09 6.17 -7.47
C LEU A 429 -4.43 5.39 -8.72
N ASP A 430 -3.47 4.66 -9.29
CA ASP A 430 -3.65 3.90 -10.52
C ASP A 430 -2.38 3.10 -10.71
N SER A 431 -2.35 2.27 -11.74
CA SER A 431 -1.18 1.44 -11.98
C SER A 431 -1.18 1.02 -13.45
N HIS A 432 -0.28 0.09 -13.80
CA HIS A 432 -0.23 -0.45 -15.15
C HIS A 432 -1.40 -1.38 -15.46
N ASP A 433 -2.24 -1.69 -14.48
CA ASP A 433 -3.40 -2.54 -14.69
C ASP A 433 -4.71 -1.76 -14.56
N THR A 434 -4.65 -0.43 -14.55
CA THR A 434 -5.86 0.37 -14.51
C THR A 434 -5.76 1.51 -15.51
N ALA A 435 -6.90 2.08 -15.83
CA ALA A 435 -6.91 3.36 -16.49
C ALA A 435 -6.18 4.40 -15.64
N ARG A 436 -5.66 5.44 -16.31
CA ARG A 436 -5.10 6.55 -15.56
C ARG A 436 -6.19 7.28 -14.79
N PHE A 437 -5.87 7.64 -13.54
CA PHE A 437 -6.87 8.30 -12.70
C PHE A 437 -7.28 9.63 -13.29
N LYS A 438 -6.32 10.34 -13.90
CA LYS A 438 -6.64 11.61 -14.57
C LYS A 438 -7.73 11.41 -15.62
N SER A 439 -7.65 10.33 -16.40
CA SER A 439 -8.68 10.07 -17.40
C SER A 439 -9.98 9.68 -16.74
N LEU A 440 -9.91 8.90 -15.65
CA LEU A 440 -11.13 8.45 -14.99
C LEU A 440 -11.96 9.59 -14.46
N LEU A 441 -11.33 10.74 -14.17
CA LEU A 441 -12.06 11.89 -13.67
C LEU A 441 -12.97 12.53 -14.71
N GLY A 442 -12.72 12.28 -16.00
CA GLY A 442 -13.47 12.94 -17.05
C GLY A 442 -13.60 14.45 -16.87
N LYS A 443 -14.83 14.95 -16.86
CA LYS A 443 -15.06 16.38 -16.69
C LYS A 443 -14.61 16.89 -15.32
N ASP A 444 -14.45 16.02 -14.33
CA ASP A 444 -14.07 16.44 -12.99
C ASP A 444 -12.56 16.44 -12.77
N VAL A 445 -11.77 16.63 -13.84
CA VAL A 445 -10.31 16.53 -13.72
C VAL A 445 -9.71 17.55 -12.76
N ALA A 446 -10.45 18.61 -12.43
CA ALA A 446 -9.97 19.57 -11.43
C ALA A 446 -9.79 18.94 -10.05
N ARG A 447 -10.37 17.75 -9.83
CA ARG A 447 -10.22 17.05 -8.56
C ARG A 447 -8.89 16.33 -8.42
N LEU A 448 -8.10 16.24 -9.50
CA LEU A 448 -6.84 15.48 -9.44
C LEU A 448 -5.90 15.97 -8.34
N PRO A 449 -5.67 17.28 -8.13
CA PRO A 449 -4.77 17.69 -7.04
C PRO A 449 -5.24 17.25 -5.67
N LEU A 450 -6.55 17.07 -5.50
CA LEU A 450 -7.10 16.56 -4.24
C LEU A 450 -6.61 15.16 -3.96
N ALA A 451 -6.69 14.30 -4.98
CA ALA A 451 -6.18 12.95 -4.83
C ALA A 451 -4.70 12.93 -4.51
N VAL A 452 -3.94 13.83 -5.15
CA VAL A 452 -2.50 13.84 -4.92
C VAL A 452 -2.17 14.19 -3.47
N VAL A 453 -2.87 15.20 -2.91
CA VAL A 453 -2.66 15.52 -1.50
C VAL A 453 -3.06 14.34 -0.61
N TRP A 454 -4.25 13.78 -0.86
CA TRP A 454 -4.71 12.62 -0.11
C TRP A 454 -3.69 11.48 -0.15
N LEU A 455 -3.05 11.28 -1.30
CA LEU A 455 -2.15 10.14 -1.46
C LEU A 455 -0.96 10.26 -0.52
N PHE A 456 -0.54 11.48 -0.18
CA PHE A 456 0.61 11.69 0.69
C PHE A 456 0.24 11.86 2.15
N SER A 457 -1.06 11.99 2.48
CA SER A 457 -1.45 12.27 3.86
C SER A 457 -2.29 11.18 4.49
N TRP A 458 -2.76 10.19 3.73
CA TRP A 458 -3.43 9.05 4.32
C TRP A 458 -2.41 8.02 4.77
N PRO A 459 -2.65 7.34 5.89
CA PRO A 459 -1.67 6.35 6.38
C PRO A 459 -1.35 5.31 5.30
N GLY A 460 -0.06 5.00 5.21
CA GLY A 460 0.49 4.19 4.14
C GLY A 460 1.64 4.91 3.45
N VAL A 461 2.34 4.14 2.63
CA VAL A 461 3.44 4.65 1.81
C VAL A 461 2.88 4.96 0.43
N PRO A 462 3.13 6.15 -0.12
CA PRO A 462 2.59 6.48 -1.44
C PRO A 462 3.49 5.98 -2.57
N CYS A 463 2.84 5.57 -3.65
CA CYS A 463 3.54 5.13 -4.86
C CYS A 463 2.99 5.87 -6.06
N ILE A 464 3.84 6.67 -6.70
CA ILE A 464 3.52 7.35 -7.95
C ILE A 464 3.66 6.35 -9.10
N TYR A 465 2.65 6.30 -9.96
CA TYR A 465 2.74 5.54 -11.21
C TYR A 465 3.39 6.45 -12.26
N TYR A 466 4.49 5.97 -12.87
CA TYR A 466 5.37 6.83 -13.68
C TYR A 466 4.55 7.67 -14.66
N GLY A 467 4.83 8.97 -14.67
CA GLY A 467 4.15 9.89 -15.55
C GLY A 467 2.88 10.51 -15.00
N ASP A 468 2.31 9.94 -13.92
CA ASP A 468 1.19 10.59 -13.25
C ASP A 468 1.53 12.02 -12.86
N GLU A 469 2.79 12.25 -12.47
CA GLU A 469 3.17 13.52 -11.88
C GLU A 469 3.22 14.65 -12.89
N VAL A 470 3.36 14.35 -14.19
CA VAL A 470 3.37 15.38 -15.23
C VAL A 470 2.10 15.32 -16.06
N GLY A 471 1.12 14.55 -15.62
CA GLY A 471 -0.20 14.59 -16.22
C GLY A 471 -0.43 13.65 -17.36
N VAL A 472 0.29 12.53 -17.42
CA VAL A 472 -0.03 11.48 -18.36
C VAL A 472 -1.43 10.97 -18.10
N ASP A 473 -2.23 10.82 -19.15
CA ASP A 473 -3.54 10.20 -19.03
C ASP A 473 -3.67 9.01 -19.98
N GLY A 474 -4.90 8.52 -20.14
CA GLY A 474 -5.16 7.34 -20.94
C GLY A 474 -6.08 6.35 -20.27
N ASN A 475 -6.65 5.46 -21.06
CA ASN A 475 -7.57 4.44 -20.58
C ASN A 475 -6.81 3.21 -20.14
N ASN A 476 -7.54 2.13 -19.86
CA ASN A 476 -6.96 0.93 -19.29
C ASN A 476 -5.99 0.29 -20.30
N ASP A 477 -5.11 -0.57 -19.77
CA ASP A 477 -4.23 -1.48 -20.52
C ASP A 477 -4.84 -1.80 -21.89
N PRO A 478 -4.18 -1.40 -23.00
CA PRO A 478 -2.81 -0.94 -23.12
C PRO A 478 -2.60 0.58 -23.03
N PHE A 479 -3.66 1.36 -22.92
CA PHE A 479 -3.51 2.81 -23.07
C PHE A 479 -2.98 3.50 -21.83
N CYS A 480 -2.84 2.81 -20.70
CA CYS A 480 -2.23 3.36 -19.51
C CYS A 480 -0.72 3.19 -19.49
N ARG A 481 -0.14 2.66 -20.56
CA ARG A 481 1.29 2.45 -20.67
C ARG A 481 1.91 3.36 -21.73
N LYS A 482 1.44 4.61 -21.79
CA LYS A 482 2.02 5.61 -22.68
C LYS A 482 3.50 5.83 -22.35
N PRO A 483 4.32 6.15 -23.36
CA PRO A 483 5.67 6.67 -23.09
C PRO A 483 5.63 7.94 -22.24
N PHE A 484 6.58 8.02 -21.31
CA PHE A 484 6.74 9.23 -20.49
C PHE A 484 7.13 10.42 -21.36
N PRO A 485 6.48 11.58 -21.21
CA PRO A 485 6.84 12.75 -22.02
C PRO A 485 7.93 13.59 -21.38
N TRP A 486 9.18 13.42 -21.84
CA TRP A 486 10.30 14.19 -21.33
C TRP A 486 10.37 15.60 -21.92
N ASP A 487 9.58 15.89 -22.95
CA ASP A 487 9.44 17.25 -23.46
C ASP A 487 8.62 18.06 -22.45
N PRO A 488 9.22 19.02 -21.75
CA PRO A 488 8.44 19.78 -20.75
C PRO A 488 7.24 20.50 -21.34
N ALA A 489 7.22 20.74 -22.66
CA ALA A 489 6.07 21.36 -23.28
C ALA A 489 4.86 20.44 -23.24
N LEU A 490 5.09 19.13 -23.11
CA LEU A 490 4.03 18.15 -22.92
C LEU A 490 3.85 17.76 -21.46
N GLN A 491 4.34 18.58 -20.52
CA GLN A 491 4.28 18.28 -19.09
C GLN A 491 3.42 19.29 -18.37
N ASP A 492 2.57 18.79 -17.45
CA ASP A 492 1.82 19.62 -16.52
C ASP A 492 2.74 19.98 -15.38
N GLY A 493 3.41 21.13 -15.51
CA GLY A 493 4.39 21.53 -14.51
C GLY A 493 3.78 21.92 -13.18
N ASP A 494 2.59 22.53 -13.19
CA ASP A 494 1.90 22.81 -11.94
C ASP A 494 1.64 21.52 -11.13
N LEU A 495 1.18 20.46 -11.81
CA LEU A 495 0.94 19.21 -11.10
C LEU A 495 2.24 18.62 -10.58
N LEU A 496 3.29 18.68 -11.40
CA LEU A 496 4.61 18.21 -10.99
C LEU A 496 5.05 18.88 -9.69
N ASP A 497 4.88 20.20 -9.62
CA ASP A 497 5.26 20.93 -8.41
C ASP A 497 4.45 20.50 -7.19
N LEU A 498 3.17 20.16 -7.37
CA LEU A 498 2.37 19.69 -6.24
C LEU A 498 2.96 18.42 -5.65
N TYR A 499 3.29 17.45 -6.50
CA TYR A 499 3.96 16.24 -6.02
C TYR A 499 5.24 16.59 -5.27
N LYS A 500 6.02 17.54 -5.81
CA LYS A 500 7.26 17.92 -5.17
C LYS A 500 7.00 18.48 -3.79
N ARG A 501 6.00 19.36 -3.66
CA ARG A 501 5.73 19.96 -2.36
C ARG A 501 5.20 18.94 -1.36
N MET A 502 4.33 18.03 -1.83
CA MET A 502 3.78 17.02 -0.91
C MET A 502 4.86 16.09 -0.39
N SER A 503 5.79 15.68 -1.25
CA SER A 503 6.85 14.82 -0.76
C SER A 503 7.72 15.54 0.26
N LYS A 504 7.85 16.86 0.12
CA LYS A 504 8.62 17.61 1.11
C LYS A 504 7.85 17.71 2.43
N LEU A 505 6.54 17.98 2.37
CA LEU A 505 5.72 17.93 3.58
C LEU A 505 5.85 16.59 4.29
N ARG A 506 5.84 15.49 3.53
CA ARG A 506 5.90 14.18 4.16
C ARG A 506 7.29 13.92 4.74
N LYS A 507 8.33 14.30 4.00
CA LYS A 507 9.69 14.18 4.51
C LYS A 507 9.88 15.03 5.77
N ALA A 508 9.16 16.15 5.88
CA ALA A 508 9.38 17.08 6.98
C ALA A 508 8.64 16.67 8.26
N HIS A 509 7.45 16.09 8.16
CA HIS A 509 6.58 15.98 9.33
C HIS A 509 6.36 14.54 9.70
N GLN A 510 6.77 14.18 10.93
CA GLN A 510 6.69 12.80 11.39
C GLN A 510 5.30 12.21 11.32
N ALA A 511 4.26 13.04 11.52
CA ALA A 511 2.91 12.51 11.63
C ALA A 511 2.38 12.02 10.30
N LEU A 512 2.94 12.51 9.19
CA LEU A 512 2.65 12.00 7.86
C LEU A 512 3.34 10.69 7.57
N ARG A 513 4.31 10.28 8.39
CA ARG A 513 4.95 9.00 8.20
C ARG A 513 4.64 7.98 9.30
N TYR A 514 4.46 8.43 10.54
CA TYR A 514 4.34 7.55 11.70
C TYR A 514 3.02 7.72 12.43
N GLY A 515 2.21 8.69 12.04
CA GLY A 515 1.13 9.14 12.88
C GLY A 515 -0.14 8.33 12.75
N GLY A 516 -0.94 8.41 13.82
CA GLY A 516 -2.30 7.93 13.74
C GLY A 516 -3.16 8.80 12.85
N CYS A 517 -4.39 8.35 12.63
CA CYS A 517 -5.29 9.05 11.73
C CYS A 517 -6.70 9.03 12.30
N GLN A 518 -7.29 10.21 12.47
CA GLN A 518 -8.65 10.33 12.97
C GLN A 518 -9.47 11.18 12.02
N VAL A 519 -10.45 10.58 11.36
CA VAL A 519 -11.44 11.33 10.61
C VAL A 519 -12.26 12.20 11.56
N ILE A 520 -12.29 13.51 11.29
CA ILE A 520 -12.94 14.45 12.16
C ILE A 520 -14.28 14.93 11.61
N TYR A 521 -14.44 14.98 10.29
CA TYR A 521 -15.67 15.45 9.66
C TYR A 521 -15.78 14.73 8.34
N ALA A 522 -16.93 14.11 8.10
CA ALA A 522 -17.09 13.45 6.79
C ALA A 522 -18.57 13.55 6.43
N GLU A 523 -18.92 14.59 5.68
CA GLU A 523 -20.30 14.79 5.29
C GLU A 523 -20.35 15.37 3.87
N ASP A 524 -21.13 14.71 3.01
CA ASP A 524 -21.38 15.11 1.63
C ASP A 524 -20.08 15.27 0.83
N ASN A 525 -19.63 16.51 0.62
CA ASN A 525 -18.47 16.79 -0.24
C ASN A 525 -17.17 17.00 0.53
N VAL A 526 -17.19 17.00 1.86
CA VAL A 526 -16.04 17.41 2.65
C VAL A 526 -15.57 16.26 3.53
N VAL A 527 -14.28 15.96 3.46
CA VAL A 527 -13.60 15.07 4.39
C VAL A 527 -12.58 15.91 5.15
N VAL A 528 -12.52 15.74 6.47
CA VAL A 528 -11.46 16.36 7.27
C VAL A 528 -10.88 15.33 8.22
N PHE A 529 -9.56 15.16 8.19
CA PHE A 529 -8.93 14.23 9.10
C PHE A 529 -7.61 14.82 9.59
N VAL A 530 -7.13 14.31 10.72
CA VAL A 530 -5.90 14.80 11.32
C VAL A 530 -4.97 13.62 11.54
N ARG A 531 -3.70 13.77 11.15
CA ARG A 531 -2.66 12.84 11.54
C ARG A 531 -2.09 13.30 12.87
N VAL A 532 -1.70 12.34 13.71
CA VAL A 532 -1.43 12.59 15.13
C VAL A 532 -0.18 11.82 15.52
N TYR A 533 0.82 12.53 16.05
CA TYR A 533 2.03 11.86 16.53
C TYR A 533 2.68 12.73 17.59
N LYS A 534 2.87 12.16 18.79
CA LYS A 534 3.30 12.90 19.96
C LYS A 534 2.49 14.19 20.06
N GLN A 535 3.15 15.34 20.09
CA GLN A 535 2.48 16.63 20.20
C GLN A 535 2.11 17.25 18.85
N GLN A 536 2.54 16.64 17.74
CA GLN A 536 2.35 17.20 16.42
C GLN A 536 1.02 16.77 15.81
N ARG A 537 0.46 17.64 14.96
CA ARG A 537 -0.81 17.40 14.29
C ARG A 537 -0.77 17.96 12.88
N VAL A 538 -1.27 17.19 11.93
CA VAL A 538 -1.40 17.62 10.55
C VAL A 538 -2.87 17.48 10.15
N LEU A 539 -3.49 18.60 9.80
CA LEU A 539 -4.92 18.62 9.49
C LEU A 539 -5.12 18.69 7.98
N VAL A 540 -5.99 17.85 7.44
CA VAL A 540 -6.21 17.74 6.00
C VAL A 540 -7.70 17.88 5.72
N ALA A 541 -8.07 18.88 4.92
CA ALA A 541 -9.46 19.17 4.57
C ALA A 541 -9.62 19.09 3.06
N ILE A 542 -10.54 18.24 2.62
CA ILE A 542 -10.76 17.96 1.20
C ILE A 542 -12.19 18.31 0.85
N ASN A 543 -12.35 19.13 -0.19
CA ASN A 543 -13.66 19.60 -0.62
C ASN A 543 -13.79 19.30 -2.10
N ARG A 544 -14.63 18.31 -2.43
CA ARG A 544 -14.76 17.87 -3.81
C ARG A 544 -15.73 18.71 -4.63
N GLY A 545 -16.53 19.57 -3.98
CA GLY A 545 -17.55 20.31 -4.69
C GLY A 545 -17.39 21.82 -4.58
N GLU A 546 -18.52 22.53 -4.62
CA GLU A 546 -18.52 23.99 -4.57
C GLU A 546 -17.94 24.48 -3.25
N ALA A 547 -17.59 25.77 -3.23
CA ALA A 547 -17.00 26.38 -2.03
C ALA A 547 -18.00 26.37 -0.88
N CYS A 548 -17.50 26.22 0.33
CA CYS A 548 -18.41 26.08 1.46
C CYS A 548 -17.68 26.36 2.76
N GLU A 549 -18.46 26.51 3.81
CA GLU A 549 -17.95 26.65 5.18
C GLU A 549 -18.44 25.48 6.02
N VAL A 550 -17.60 25.05 6.94
CA VAL A 550 -17.87 23.87 7.76
C VAL A 550 -17.41 24.16 9.18
N VAL A 551 -18.27 23.83 10.15
CA VAL A 551 -17.95 24.02 11.56
C VAL A 551 -17.26 22.76 12.08
N ILE A 552 -16.11 22.95 12.70
CA ILE A 552 -15.35 21.86 13.32
C ILE A 552 -15.59 21.96 14.83
N GLU A 553 -16.30 20.98 15.37
CA GLU A 553 -16.56 20.94 16.80
C GLU A 553 -15.25 20.97 17.56
N ASP A 554 -15.25 21.68 18.68
CA ASP A 554 -14.11 21.62 19.57
C ASP A 554 -13.76 20.16 19.84
N SER A 555 -12.51 19.81 19.57
CA SER A 555 -12.03 18.46 19.67
C SER A 555 -10.69 18.49 20.39
N PRO A 556 -10.48 17.64 21.38
CA PRO A 556 -9.19 17.63 22.09
C PRO A 556 -8.03 17.17 21.22
N LEU A 557 -8.32 16.59 20.05
CA LEU A 557 -7.25 16.24 19.13
C LEU A 557 -6.67 17.48 18.44
N LEU A 558 -7.46 18.54 18.33
CA LEU A 558 -7.09 19.78 17.65
C LEU A 558 -6.68 20.89 18.63
N ASP A 559 -6.52 20.57 19.91
CA ASP A 559 -6.22 21.56 20.94
C ASP A 559 -4.71 21.86 20.90
N VAL A 560 -4.35 22.84 20.07
CA VAL A 560 -2.95 23.13 19.77
C VAL A 560 -2.68 24.62 19.97
N ASN A 561 -1.39 24.97 19.92
CA ASN A 561 -0.98 26.37 20.03
C ASN A 561 -1.50 27.20 18.87
N GLY A 562 -1.43 26.67 17.65
CA GLY A 562 -1.97 27.35 16.49
C GLY A 562 -1.74 26.51 15.25
N TRP A 563 -2.28 26.98 14.13
CA TRP A 563 -2.20 26.24 12.89
C TRP A 563 -1.48 27.07 11.82
N GLN A 564 -0.51 26.44 11.15
CA GLN A 564 0.21 27.04 10.04
C GLN A 564 -0.22 26.36 8.74
N LEU A 565 -0.82 27.12 7.83
CA LEU A 565 -1.21 26.59 6.53
C LEU A 565 0.01 26.29 5.67
N LYS A 566 0.06 25.07 5.11
CA LYS A 566 1.19 24.59 4.32
C LYS A 566 0.87 24.32 2.85
N GLU A 567 -0.38 24.09 2.49
CA GLU A 567 -0.71 23.77 1.10
C GLU A 567 -2.19 24.00 0.90
N GLY A 568 -2.55 24.54 -0.26
CA GLY A 568 -3.93 24.85 -0.55
C GLY A 568 -4.34 26.18 0.03
N ALA A 569 -5.60 26.57 -0.25
CA ALA A 569 -6.13 27.88 0.07
C ALA A 569 -7.24 27.84 1.11
N GLY A 570 -7.42 26.72 1.81
CA GLY A 570 -8.39 26.68 2.89
C GLY A 570 -7.99 27.57 4.04
N ALA A 571 -8.97 27.93 4.88
CA ALA A 571 -8.74 28.81 6.01
C ALA A 571 -9.49 28.30 7.24
N LEU A 572 -8.78 28.24 8.36
CA LEU A 572 -9.32 27.77 9.63
C LEU A 572 -9.28 28.93 10.61
N HIS A 573 -10.45 29.30 11.14
CA HIS A 573 -10.47 30.35 12.14
C HIS A 573 -11.66 30.14 13.08
N ASP A 574 -11.37 30.10 14.38
CA ASP A 574 -12.40 29.90 15.40
C ASP A 574 -13.32 28.73 15.05
N GLY A 575 -12.69 27.59 14.73
CA GLY A 575 -13.46 26.41 14.44
C GLY A 575 -14.33 26.47 13.19
N VAL A 576 -14.05 27.38 12.26
CA VAL A 576 -14.75 27.42 10.98
C VAL A 576 -13.73 27.21 9.87
N LEU A 577 -13.93 26.16 9.07
CA LEU A 577 -13.12 25.91 7.88
C LEU A 577 -13.80 26.58 6.69
N THR A 578 -13.12 27.54 6.07
CA THR A 578 -13.57 28.13 4.81
C THR A 578 -12.80 27.42 3.70
N LEU A 579 -13.54 26.67 2.88
CA LEU A 579 -12.93 25.81 1.88
C LEU A 579 -13.38 26.25 0.49
N PRO A 580 -12.45 26.64 -0.37
CA PRO A 580 -12.81 26.95 -1.75
C PRO A 580 -13.25 25.70 -2.50
N ALA A 581 -14.01 25.94 -3.57
CA ALA A 581 -14.46 24.86 -4.45
C ALA A 581 -13.29 24.02 -4.92
N ILE A 582 -13.52 22.70 -4.96
CA ILE A 582 -12.56 21.73 -5.47
C ILE A 582 -11.16 22.03 -4.97
N SER A 583 -10.93 21.81 -3.68
CA SER A 583 -9.68 22.14 -3.01
C SER A 583 -9.35 21.10 -1.95
N ALA A 584 -8.06 21.04 -1.65
CA ALA A 584 -7.49 20.28 -0.55
C ALA A 584 -6.49 21.17 0.16
N SER A 585 -6.53 21.19 1.49
CA SER A 585 -5.62 22.02 2.29
C SER A 585 -4.97 21.23 3.41
N VAL A 586 -3.74 21.61 3.73
CA VAL A 586 -2.96 20.95 4.77
C VAL A 586 -2.40 21.99 5.74
N TRP A 587 -2.63 21.79 7.04
CA TRP A 587 -2.06 22.63 8.08
C TRP A 587 -1.14 21.81 8.97
N PHE A 588 -0.13 22.47 9.52
CA PHE A 588 0.72 21.95 10.57
C PHE A 588 0.39 22.69 11.86
N SER A 589 0.50 22.00 12.99
CA SER A 589 0.35 22.65 14.27
C SER A 589 1.70 23.25 14.67
N ARG A 590 1.66 24.48 15.19
CA ARG A 590 2.87 25.17 15.64
C ARG A 590 2.90 25.29 17.16
C1 GLC B . -1.94 -10.16 -19.45
C2 GLC B . -2.30 -8.75 -19.91
C3 GLC B . -1.07 -7.88 -19.92
C4 GLC B . -0.38 -7.89 -18.57
C5 GLC B . -0.13 -9.33 -18.12
C6 GLC B . -0.91 -9.71 -16.88
O1 GLC B . -2.26 -11.09 -20.43
O2 GLC B . -2.96 -8.79 -21.18
O3 GLC B . -1.42 -6.54 -20.29
O4 GLC B . 0.84 -7.19 -18.62
O5 GLC B . -0.54 -10.23 -19.16
O6 GLC B . -0.09 -10.27 -15.87
#